data_3RC3
#
_entry.id   3RC3
#
_cell.length_a   89.390
_cell.length_b   89.390
_cell.length_c   88.070
_cell.angle_alpha   90.00
_cell.angle_beta   90.00
_cell.angle_gamma   120.00
#
_symmetry.space_group_name_H-M   'P 32'
#
loop_
_entity.id
_entity.type
_entity.pdbx_description
1 polymer 'ATP-dependent RNA helicase SUPV3L1, mitochondrial'
2 non-polymer 'PHOSPHOAMINOPHOSPHONIC ACID-ADENYLATE ESTER'
3 non-polymer 'SODIUM ION'
4 non-polymer 'AZIDE ION'
5 non-polymer 'CHLORIDE ION'
6 water water
#
_entity_poly.entity_id   1
_entity_poly.type   'polypeptide(L)'
_entity_poly.pdbx_seq_one_letter_code
;GTASSSASGGSKIPNTSLFVPLTVKPQGPSADGDVGAELTRPLDKNEVKKVLDKFYKRKEIQKLGADYGLDARLFHQAFI
SFRNYI(MSE)QSHSLDVDIHIVLNDICFGAAHADDLFPFFLRHAKQIFPVLDCKDDLRKISDLRIPPNWYPDARA
(MSE)QRKIIFHSGPTNSGKTYHAIQKYFSAKSGVYCGPLKLLAHEIFEKSNAAGVPCDLVTGEERVTVQPNGKQASHVS
CTVE(MSE)CSVTTPYEVAVIDEIQ(MSE)IRDPARGWAWTRALLGLCAEEVHLCGEPAAIDLV(MSE)EL(MSE)YTTG
EEVEVRDYKRLTPISVLDHALESLDNLRPGDCIVCFSKNDIYSVSRQIEIRGLESAVIYGSLPPGTKLAQAKKFNDPNDP
CKILVATDAIG(MSE)GLNLSIRRIIFYSLIKPSINEKGERELEPITTSQALQIAGRAGRFSSRFKEGEVTT(MSE)NHE
DLSLLKEILKRPVDPIRAAGLHPTAEQIE(MSE)FAYHLPDATLSNLIDIFVDFSQVDGQYFVCN(MSE)DDFKFSAELI
QHIPLSLRVRYVFCTAPINKKQPFVCSSLLQFARQYSRNEPLTFAWLRRYIKWPLLPPKNIKDL(MSE)DLEAVHDVLDL
YLWLSYRF(MSE)D(MSE)FPDASLIRDLQKELDGIIQDGVHNITKLIK(MSE)SETHKLLNLEGFPSGSQSRLSGTLKS
QARRTRGTKALGSKATE
;
_entity_poly.pdbx_strand_id   A
#
# COMPACT_ATOMS: atom_id res chain seq x y z
N ILE A 13 -0.73 -13.93 26.43
CA ILE A 13 -0.39 -12.93 25.35
C ILE A 13 -0.67 -13.54 23.94
N PRO A 14 0.15 -14.53 23.42
CA PRO A 14 -0.12 -14.90 22.01
C PRO A 14 -1.54 -15.34 21.82
N ASN A 15 -2.11 -14.94 20.69
CA ASN A 15 -3.47 -15.26 20.34
C ASN A 15 -3.53 -16.66 19.73
N THR A 16 -4.07 -17.59 20.49
CA THR A 16 -3.99 -19.00 20.15
C THR A 16 -4.98 -19.36 19.00
N SER A 17 -5.94 -18.48 18.76
CA SER A 17 -6.90 -18.60 17.63
C SER A 17 -6.22 -18.54 16.31
N LEU A 18 -4.99 -18.00 16.28
CA LEU A 18 -4.23 -17.92 14.99
C LEU A 18 -3.48 -19.22 14.63
N PHE A 19 -3.54 -20.20 15.52
CA PHE A 19 -2.79 -21.44 15.30
C PHE A 19 -3.69 -22.47 14.58
N VAL A 20 -3.28 -22.89 13.42
CA VAL A 20 -4.11 -23.80 12.62
C VAL A 20 -3.49 -25.17 12.91
N PRO A 21 -4.25 -26.09 13.50
CA PRO A 21 -3.64 -27.36 13.93
C PRO A 21 -3.13 -28.16 12.74
N LEU A 22 -1.93 -28.68 12.87
CA LEU A 22 -1.45 -29.58 11.86
C LEU A 22 -2.01 -30.97 12.15
N THR A 23 -2.31 -31.72 11.10
CA THR A 23 -2.68 -33.17 11.21
C THR A 23 -1.51 -34.06 11.58
N VAL A 24 -1.70 -34.92 12.57
CA VAL A 24 -0.74 -35.99 12.88
C VAL A 24 -1.49 -37.35 12.76
N LYS A 25 -1.36 -38.03 11.61
CA LYS A 25 -2.17 -39.24 11.35
C LYS A 25 -1.70 -40.40 12.19
N PRO A 26 -2.64 -41.31 12.57
CA PRO A 26 -2.24 -42.57 13.22
C PRO A 26 -1.09 -43.28 12.46
N GLN A 27 -0.13 -43.86 13.18
CA GLN A 27 0.90 -44.71 12.56
C GLN A 27 0.34 -45.94 11.84
N PRO A 42 0.69 -55.71 24.44
CA PRO A 42 -0.55 -55.45 23.71
C PRO A 42 -1.60 -54.77 24.60
N LEU A 43 -2.26 -53.75 24.09
CA LEU A 43 -3.02 -52.82 24.91
C LEU A 43 -4.51 -53.12 24.93
N ASP A 44 -5.19 -52.78 26.02
CA ASP A 44 -6.65 -52.92 26.08
C ASP A 44 -7.26 -51.56 25.75
N LYS A 45 -7.84 -51.47 24.56
CA LYS A 45 -8.23 -50.15 24.02
C LYS A 45 -9.36 -49.47 24.80
N ASN A 46 -10.22 -50.28 25.39
CA ASN A 46 -11.25 -49.79 26.29
C ASN A 46 -10.74 -49.17 27.60
N GLU A 47 -9.75 -49.82 28.20
CA GLU A 47 -9.05 -49.27 29.37
C GLU A 47 -8.26 -47.99 29.06
N VAL A 48 -7.53 -48.00 27.95
CA VAL A 48 -6.73 -46.83 27.51
C VAL A 48 -7.65 -45.59 27.38
N LYS A 49 -8.85 -45.82 26.84
CA LYS A 49 -9.77 -44.72 26.56
C LYS A 49 -10.16 -44.07 27.89
N LYS A 50 -10.42 -44.94 28.85
CA LYS A 50 -10.75 -44.54 30.19
C LYS A 50 -9.60 -43.74 30.80
N VAL A 51 -8.38 -44.26 30.65
CA VAL A 51 -7.18 -43.51 31.07
C VAL A 51 -7.10 -42.12 30.35
N LEU A 52 -7.18 -42.11 29.03
CA LEU A 52 -7.26 -40.83 28.27
C LEU A 52 -8.33 -39.85 28.75
N ASP A 53 -9.57 -40.35 28.94
CA ASP A 53 -10.68 -39.50 29.33
C ASP A 53 -10.51 -38.94 30.72
N LYS A 54 -9.90 -39.72 31.65
CA LYS A 54 -9.60 -39.19 33.02
C LYS A 54 -8.44 -38.12 32.99
N PHE A 55 -7.39 -38.44 32.23
CA PHE A 55 -6.29 -37.50 31.96
C PHE A 55 -6.82 -36.13 31.49
N TYR A 56 -7.62 -36.12 30.43
CA TYR A 56 -8.27 -34.87 29.95
C TYR A 56 -8.97 -34.05 31.05
N LYS A 57 -9.66 -34.78 31.96
CA LYS A 57 -10.46 -34.18 33.06
C LYS A 57 -9.71 -33.73 34.33
N ARG A 58 -8.49 -34.22 34.53
CA ARG A 58 -7.73 -33.88 35.74
C ARG A 58 -7.33 -32.40 35.70
N LYS A 59 -7.80 -31.69 36.73
CA LYS A 59 -7.55 -30.25 36.84
C LYS A 59 -6.03 -29.96 36.84
N GLU A 60 -5.27 -30.88 37.45
CA GLU A 60 -3.81 -30.85 37.53
C GLU A 60 -3.12 -30.93 36.14
N ILE A 61 -3.60 -31.86 35.31
CA ILE A 61 -3.17 -32.04 33.97
C ILE A 61 -3.53 -30.84 33.06
N GLN A 62 -4.71 -30.28 33.27
CA GLN A 62 -5.13 -29.11 32.52
C GLN A 62 -4.31 -27.94 32.92
N LYS A 63 -4.00 -27.86 34.21
CA LYS A 63 -3.19 -26.77 34.69
C LYS A 63 -1.73 -26.91 34.20
N LEU A 64 -1.15 -28.11 34.23
CA LEU A 64 0.18 -28.30 33.65
C LEU A 64 0.18 -27.95 32.10
N GLY A 65 -0.86 -28.34 31.39
CA GLY A 65 -1.06 -27.92 29.98
C GLY A 65 -0.91 -26.42 29.84
N ALA A 66 -1.62 -25.67 30.65
CA ALA A 66 -1.62 -24.23 30.59
C ALA A 66 -0.24 -23.67 30.93
N ASP A 67 0.51 -24.32 31.83
CA ASP A 67 1.90 -23.87 32.13
C ASP A 67 2.77 -23.82 30.88
N TYR A 68 2.59 -24.84 30.04
CA TYR A 68 3.27 -24.97 28.76
C TYR A 68 2.63 -24.21 27.57
N GLY A 69 1.65 -23.35 27.83
CA GLY A 69 0.97 -22.60 26.77
C GLY A 69 -0.25 -23.29 26.13
N LEU A 70 -0.75 -24.38 26.71
CA LEU A 70 -1.98 -24.97 26.15
C LEU A 70 -3.15 -24.36 26.91
N ASP A 71 -3.76 -23.34 26.35
CA ASP A 71 -4.98 -22.82 26.94
C ASP A 71 -6.07 -23.81 26.59
N ALA A 72 -7.31 -23.45 26.89
CA ALA A 72 -8.43 -24.37 26.74
C ALA A 72 -8.51 -24.89 25.34
N ARG A 73 -8.37 -24.03 24.31
CA ARG A 73 -8.51 -24.51 22.91
C ARG A 73 -7.38 -25.41 22.48
N LEU A 74 -6.15 -25.06 22.82
CA LEU A 74 -5.05 -25.90 22.35
C LEU A 74 -5.04 -27.20 23.10
N PHE A 75 -5.31 -27.11 24.41
CA PHE A 75 -5.29 -28.31 25.24
C PHE A 75 -6.30 -29.27 24.61
N HIS A 76 -7.49 -28.74 24.35
CA HIS A 76 -8.57 -29.52 23.79
C HIS A 76 -8.19 -30.12 22.45
N GLN A 77 -7.70 -29.29 21.52
CA GLN A 77 -7.40 -29.80 20.16
C GLN A 77 -6.23 -30.78 20.19
N ALA A 78 -5.25 -30.54 21.03
CA ALA A 78 -4.12 -31.49 21.08
C ALA A 78 -4.66 -32.83 21.64
N PHE A 79 -5.58 -32.74 22.61
CA PHE A 79 -6.02 -33.96 23.28
C PHE A 79 -6.80 -34.82 22.31
N ILE A 80 -7.64 -34.19 21.53
CA ILE A 80 -8.49 -34.89 20.57
C ILE A 80 -7.63 -35.72 19.60
N SER A 81 -6.63 -35.09 19.02
CA SER A 81 -5.71 -35.76 18.10
C SER A 81 -4.80 -36.76 18.84
N PHE A 82 -4.41 -36.46 20.06
CA PHE A 82 -3.54 -37.39 20.82
C PHE A 82 -4.30 -38.70 21.07
N ARG A 83 -5.54 -38.57 21.55
CA ARG A 83 -6.36 -39.74 21.84
C ARG A 83 -6.56 -40.49 20.54
N ASN A 84 -6.91 -39.76 19.50
CA ASN A 84 -7.04 -40.30 18.19
C ASN A 84 -5.85 -41.11 17.72
N TYR A 85 -4.68 -40.51 17.81
CA TYR A 85 -3.43 -41.17 17.41
C TYR A 85 -3.19 -42.52 18.19
N ILE A 86 -3.39 -42.48 19.51
CA ILE A 86 -3.25 -43.65 20.36
C ILE A 86 -4.29 -44.72 20.04
N GLN A 88 -6.08 -45.22 17.30
CA GLN A 88 -6.10 -45.72 15.91
C GLN A 88 -4.78 -46.23 15.28
N SER A 89 -3.64 -45.99 15.94
CA SER A 89 -2.34 -46.41 15.40
C SER A 89 -2.22 -47.92 15.47
N HIS A 90 -1.73 -48.57 14.42
CA HIS A 90 -1.51 -50.02 14.53
C HIS A 90 -0.27 -50.33 15.38
N SER A 91 0.62 -49.36 15.47
CA SER A 91 1.95 -49.52 16.06
C SER A 91 2.25 -48.24 16.88
N LEU A 92 2.56 -48.34 18.15
CA LEU A 92 3.07 -47.17 18.87
C LEU A 92 4.58 -47.24 19.06
N ASP A 93 5.24 -46.08 19.24
CA ASP A 93 6.61 -46.10 19.72
C ASP A 93 6.65 -46.95 21.00
N VAL A 94 7.78 -47.62 21.21
CA VAL A 94 7.95 -48.50 22.35
C VAL A 94 7.80 -47.74 23.69
N ASP A 95 8.32 -46.51 23.80
CA ASP A 95 8.30 -45.85 25.11
C ASP A 95 6.88 -45.49 25.54
N ILE A 96 6.06 -45.01 24.61
CA ILE A 96 4.67 -44.70 24.99
C ILE A 96 3.84 -45.97 25.27
N HIS A 97 4.02 -46.99 24.43
CA HIS A 97 3.41 -48.31 24.63
C HIS A 97 3.63 -48.84 26.04
N ILE A 98 4.89 -48.86 26.48
CA ILE A 98 5.23 -49.32 27.83
C ILE A 98 4.51 -48.50 28.89
N VAL A 99 4.42 -47.17 28.73
CA VAL A 99 3.86 -46.32 29.77
C VAL A 99 2.34 -46.56 29.93
N LEU A 100 1.67 -46.74 28.79
CA LEU A 100 0.22 -47.03 28.74
C LEU A 100 -0.07 -48.39 29.39
N ASN A 101 0.75 -49.38 29.03
CA ASN A 101 0.69 -50.69 29.67
C ASN A 101 0.86 -50.53 31.16
N ASP A 102 1.88 -49.78 31.57
CA ASP A 102 2.10 -49.67 33.00
C ASP A 102 1.00 -48.85 33.72
N ILE A 103 0.37 -47.89 33.03
CA ILE A 103 -0.67 -47.09 33.71
C ILE A 103 -1.90 -47.99 33.87
N CYS A 104 -2.28 -48.67 32.77
CA CYS A 104 -3.42 -49.59 32.78
C CYS A 104 -3.26 -50.64 33.87
N PHE A 105 -2.03 -51.13 34.07
CA PHE A 105 -1.82 -52.27 34.95
C PHE A 105 -1.24 -51.93 36.31
N GLY A 106 -1.24 -50.63 36.64
CA GLY A 106 -1.00 -50.16 38.02
C GLY A 106 0.46 -49.84 38.27
N ALA A 107 1.33 -50.24 37.37
CA ALA A 107 2.78 -49.96 37.55
C ALA A 107 3.21 -48.46 37.34
N ALA A 108 2.31 -47.60 36.80
CA ALA A 108 2.60 -46.17 36.64
C ALA A 108 1.42 -45.26 36.89
N HIS A 109 1.72 -44.09 37.43
CA HIS A 109 0.73 -43.08 37.68
C HIS A 109 0.35 -42.47 36.33
N ALA A 110 -0.90 -42.04 36.21
CA ALA A 110 -1.43 -41.57 34.93
C ALA A 110 -0.85 -40.24 34.40
N ASP A 111 -0.21 -39.49 35.29
CA ASP A 111 0.34 -38.19 34.95
C ASP A 111 1.63 -38.41 34.11
N ASP A 112 2.13 -39.65 34.12
CA ASP A 112 3.31 -40.05 33.35
C ASP A 112 3.03 -39.98 31.88
N LEU A 113 1.76 -39.87 31.51
CA LEU A 113 1.45 -39.69 30.10
C LEU A 113 1.73 -38.24 29.66
N PHE A 114 1.82 -37.32 30.60
CA PHE A 114 1.92 -35.92 30.21
C PHE A 114 3.05 -35.56 29.20
N PRO A 115 4.30 -36.08 29.39
CA PRO A 115 5.39 -35.66 28.43
C PRO A 115 5.15 -36.09 26.98
N PHE A 116 4.48 -37.23 26.79
CA PHE A 116 4.06 -37.71 25.46
C PHE A 116 2.99 -36.79 24.88
N PHE A 117 2.03 -36.45 25.69
CA PHE A 117 0.96 -35.55 25.24
C PHE A 117 1.52 -34.20 24.80
N LEU A 118 2.42 -33.66 25.63
CA LEU A 118 3.12 -32.41 25.31
C LEU A 118 3.91 -32.48 24.01
N ARG A 119 4.69 -33.54 23.80
CA ARG A 119 5.41 -33.62 22.53
C ARG A 119 4.44 -33.76 21.36
N HIS A 120 3.30 -34.42 21.61
CA HIS A 120 2.30 -34.48 20.55
C HIS A 120 1.74 -33.11 20.22
N ALA A 121 1.51 -32.34 21.27
CA ALA A 121 0.88 -31.04 21.12
C ALA A 121 1.81 -30.17 20.35
N LYS A 122 3.11 -30.36 20.56
CA LYS A 122 4.11 -29.51 19.94
C LYS A 122 4.26 -29.76 18.43
N GLN A 123 3.90 -30.96 17.96
CA GLN A 123 3.77 -31.19 16.51
C GLN A 123 2.46 -30.69 15.91
N ILE A 124 1.34 -30.73 16.68
CA ILE A 124 0.09 -30.18 16.23
C ILE A 124 0.30 -28.64 16.09
N PHE A 125 1.02 -28.05 17.07
CA PHE A 125 1.14 -26.59 17.20
C PHE A 125 2.58 -26.18 17.39
N PRO A 126 3.39 -26.12 16.30
CA PRO A 126 4.83 -25.91 16.53
C PRO A 126 5.13 -24.53 17.08
N VAL A 127 4.19 -23.59 17.03
CA VAL A 127 4.45 -22.29 17.68
C VAL A 127 4.79 -22.55 19.16
N LEU A 128 4.19 -23.56 19.77
CA LEU A 128 4.49 -23.85 21.22
C LEU A 128 5.96 -24.21 21.45
N ASP A 129 6.67 -24.56 20.41
CA ASP A 129 8.06 -24.96 20.55
C ASP A 129 9.06 -23.80 20.37
N CYS A 130 8.60 -22.63 19.93
CA CYS A 130 9.53 -21.53 19.58
C CYS A 130 9.04 -20.12 19.85
N LYS A 131 8.20 -19.95 20.86
CA LYS A 131 7.60 -18.60 21.12
C LYS A 131 8.67 -17.56 21.39
N ASP A 132 9.74 -17.90 22.15
CA ASP A 132 10.78 -16.85 22.45
C ASP A 132 11.47 -16.41 21.17
N ASP A 133 11.73 -17.38 20.31
CA ASP A 133 12.40 -17.15 19.04
C ASP A 133 11.54 -16.23 18.17
N LEU A 134 10.25 -16.56 18.10
CA LEU A 134 9.40 -15.72 17.25
C LEU A 134 9.33 -14.27 17.81
N ARG A 135 9.24 -14.13 19.15
CA ARG A 135 9.26 -12.77 19.77
C ARG A 135 10.49 -11.99 19.30
N LYS A 136 11.65 -12.63 19.38
CA LYS A 136 12.93 -12.00 18.98
C LYS A 136 12.93 -11.62 17.53
N ILE A 137 12.42 -12.51 16.69
CA ILE A 137 12.40 -12.22 15.29
C ILE A 137 11.49 -11.04 14.95
N SER A 138 10.33 -10.94 15.62
CA SER A 138 9.35 -9.91 15.27
C SER A 138 9.46 -8.69 16.20
N ASP A 139 10.54 -8.59 16.95
CA ASP A 139 10.72 -7.43 17.84
C ASP A 139 11.09 -6.22 16.98
N LEU A 140 10.20 -5.26 16.89
CA LEU A 140 10.43 -4.15 15.99
C LEU A 140 10.73 -2.84 16.79
N ARG A 141 11.10 -3.00 18.03
CA ARG A 141 11.44 -1.84 18.83
C ARG A 141 12.77 -1.22 18.29
N ILE A 142 12.92 0.10 18.49
CA ILE A 142 14.11 0.86 18.10
C ILE A 142 14.37 0.73 16.60
N PRO A 143 13.36 1.07 15.80
CA PRO A 143 13.53 1.03 14.35
C PRO A 143 14.80 1.71 13.79
N PRO A 144 15.27 2.83 14.39
CA PRO A 144 16.46 3.44 13.81
C PRO A 144 17.70 2.50 13.74
N ASN A 145 17.75 1.48 14.57
CA ASN A 145 18.90 0.54 14.59
C ASN A 145 18.91 -0.32 13.35
N TRP A 146 17.81 -0.32 12.62
CA TRP A 146 17.78 -1.03 11.33
C TRP A 146 18.58 -0.33 10.22
N TYR A 147 19.07 0.90 10.48
CA TYR A 147 19.70 1.71 9.41
C TYR A 147 21.08 2.18 9.86
N PRO A 148 22.05 1.25 9.98
CA PRO A 148 23.33 1.58 10.64
C PRO A 148 24.06 2.64 9.83
N ASP A 149 23.86 2.66 8.50
CA ASP A 149 24.59 3.65 7.67
C ASP A 149 24.13 5.08 8.00
N ALA A 150 22.83 5.33 8.09
CA ALA A 150 22.33 6.62 8.58
C ALA A 150 22.70 6.94 10.00
N ARG A 151 22.74 5.92 10.88
CA ARG A 151 23.15 6.19 12.28
C ARG A 151 24.62 6.65 12.36
N ALA A 152 25.41 6.23 11.37
CA ALA A 152 26.86 6.44 11.39
C ALA A 152 27.27 7.86 10.93
N GLN A 154 26.13 12.34 10.66
CA GLN A 154 25.27 13.42 11.09
C GLN A 154 24.27 13.67 10.02
N ARG A 155 23.01 13.79 10.41
CA ARG A 155 21.96 14.15 9.46
C ARG A 155 21.21 15.25 10.16
N LYS A 156 20.87 16.33 9.46
CA LYS A 156 19.98 17.34 10.01
C LYS A 156 18.65 17.27 9.24
N ILE A 157 17.54 17.25 9.98
CA ILE A 157 16.23 17.19 9.44
C ILE A 157 15.67 18.64 9.37
N ILE A 158 15.11 19.00 8.21
CA ILE A 158 14.53 20.33 7.99
C ILE A 158 13.14 20.02 7.53
N PHE A 159 12.15 20.45 8.29
CA PHE A 159 10.75 20.17 8.00
C PHE A 159 10.25 21.46 7.40
N HIS A 160 9.94 21.45 6.11
CA HIS A 160 9.30 22.62 5.47
C HIS A 160 7.78 22.47 5.62
N SER A 161 7.19 23.29 6.46
CA SER A 161 5.83 23.04 6.88
C SER A 161 4.97 24.15 6.32
N GLY A 162 3.81 23.80 5.81
CA GLY A 162 2.90 24.86 5.32
C GLY A 162 1.78 24.26 4.45
N PRO A 163 0.84 25.10 3.96
CA PRO A 163 -0.28 24.68 3.11
C PRO A 163 0.30 24.21 1.77
N THR A 164 -0.50 23.55 0.94
CA THR A 164 -0.11 23.48 -0.46
C THR A 164 -0.04 24.93 -1.07
N ASN A 165 0.72 25.04 -2.17
CA ASN A 165 0.88 26.31 -2.85
C ASN A 165 1.51 27.37 -1.96
N SER A 166 2.45 26.97 -1.08
CA SER A 166 3.11 27.91 -0.21
C SER A 166 4.59 28.02 -0.58
N GLY A 167 5.08 27.20 -1.50
CA GLY A 167 6.51 27.23 -1.88
C GLY A 167 7.38 26.31 -0.96
N LYS A 168 6.76 25.62 -0.04
CA LYS A 168 7.51 24.72 0.85
C LYS A 168 8.24 23.66 0.01
N THR A 169 7.61 23.20 -1.09
CA THR A 169 8.18 22.12 -1.94
C THR A 169 9.28 22.66 -2.84
N TYR A 170 9.00 23.83 -3.44
CA TYR A 170 9.94 24.54 -4.30
C TYR A 170 11.30 24.77 -3.62
N HIS A 171 11.27 25.19 -2.34
CA HIS A 171 12.51 25.40 -1.53
C HIS A 171 13.30 24.13 -1.40
N ALA A 172 12.60 23.03 -1.02
CA ALA A 172 13.28 21.75 -0.84
C ALA A 172 13.90 21.31 -2.19
N ILE A 173 13.09 21.37 -3.23
CA ILE A 173 13.50 20.88 -4.55
C ILE A 173 14.73 21.74 -5.09
N GLN A 174 14.67 23.06 -4.92
CA GLN A 174 15.83 23.91 -5.35
C GLN A 174 17.12 23.55 -4.58
N LYS A 175 16.94 23.25 -3.30
CA LYS A 175 18.06 22.84 -2.46
C LYS A 175 18.57 21.54 -3.01
N TYR A 176 17.64 20.65 -3.39
CA TYR A 176 18.04 19.42 -4.01
C TYR A 176 18.77 19.65 -5.35
N PHE A 177 18.20 20.49 -6.23
CA PHE A 177 18.86 20.80 -7.55
C PHE A 177 20.27 21.37 -7.35
N SER A 178 20.50 22.12 -6.29
CA SER A 178 21.82 22.78 -6.14
C SER A 178 22.89 21.91 -5.40
N ALA A 179 22.48 20.80 -4.76
CA ALA A 179 23.42 19.93 -4.08
C ALA A 179 24.26 19.16 -5.11
N LYS A 180 25.43 18.71 -4.69
CA LYS A 180 26.24 17.86 -5.54
C LYS A 180 25.59 16.51 -5.82
N SER A 181 24.81 15.99 -4.87
CA SER A 181 24.10 14.75 -5.06
C SER A 181 22.80 14.83 -4.28
N GLY A 182 21.75 14.13 -4.72
CA GLY A 182 20.46 14.20 -3.99
C GLY A 182 19.45 13.20 -4.43
N VAL A 183 18.45 12.97 -3.57
CA VAL A 183 17.36 12.04 -3.88
C VAL A 183 16.05 12.73 -3.60
N TYR A 184 15.05 12.62 -4.49
CA TYR A 184 13.71 13.10 -4.22
C TYR A 184 12.86 11.83 -4.12
N CYS A 185 12.06 11.70 -3.04
CA CYS A 185 11.16 10.57 -2.79
C CYS A 185 9.75 11.12 -2.77
N GLY A 186 8.91 10.67 -3.71
CA GLY A 186 7.50 11.10 -3.74
C GLY A 186 6.49 10.00 -3.49
N PRO A 187 5.24 10.38 -3.21
CA PRO A 187 4.12 9.48 -2.94
C PRO A 187 3.53 8.95 -4.20
N LEU A 188 3.89 9.51 -5.38
CA LEU A 188 3.19 9.18 -6.62
C LEU A 188 4.21 9.12 -7.73
N LYS A 189 3.99 8.16 -8.57
CA LYS A 189 4.70 8.10 -9.82
C LYS A 189 4.73 9.39 -10.62
N LEU A 190 3.60 10.11 -10.73
CA LEU A 190 3.59 11.36 -11.51
C LEU A 190 4.62 12.35 -10.95
N LEU A 191 4.77 12.35 -9.62
CA LEU A 191 5.73 13.32 -8.97
C LEU A 191 7.14 12.85 -9.19
N ALA A 192 7.42 11.55 -9.05
CA ALA A 192 8.75 11.10 -9.45
C ALA A 192 9.16 11.52 -10.90
N HIS A 193 8.27 11.30 -11.88
CA HIS A 193 8.45 11.78 -13.29
C HIS A 193 8.69 13.25 -13.37
N GLU A 194 7.84 13.99 -12.66
CA GLU A 194 7.89 15.45 -12.79
C GLU A 194 9.28 16.00 -12.30
N ILE A 195 9.75 15.46 -11.15
CA ILE A 195 10.99 16.00 -10.61
C ILE A 195 12.16 15.53 -11.50
N PHE A 196 12.07 14.30 -12.04
CA PHE A 196 13.06 13.75 -12.96
C PHE A 196 13.15 14.64 -14.23
N GLU A 197 12.00 15.02 -14.79
CA GLU A 197 11.96 15.89 -15.98
C GLU A 197 12.49 17.28 -15.60
N LYS A 198 12.06 17.84 -14.47
CA LYS A 198 12.53 19.20 -14.11
C LYS A 198 14.03 19.29 -13.80
N SER A 199 14.53 18.31 -13.10
CA SER A 199 15.94 18.27 -12.78
C SER A 199 16.77 18.24 -14.06
N ASN A 200 16.44 17.33 -14.99
CA ASN A 200 17.21 17.24 -16.22
C ASN A 200 17.08 18.51 -17.07
N ALA A 201 15.86 19.05 -17.16
CA ALA A 201 15.67 20.32 -17.91
C ALA A 201 16.43 21.48 -17.26
N ALA A 202 16.69 21.42 -15.94
CA ALA A 202 17.45 22.46 -15.23
C ALA A 202 18.94 22.18 -15.36
N GLY A 203 19.37 21.18 -16.15
CA GLY A 203 20.85 20.98 -16.28
C GLY A 203 21.41 20.16 -15.16
N VAL A 204 20.54 19.45 -14.43
CA VAL A 204 21.05 18.57 -13.40
C VAL A 204 20.73 17.08 -13.75
N PRO A 205 21.73 16.33 -14.28
CA PRO A 205 21.52 14.88 -14.58
C PRO A 205 20.74 14.16 -13.43
N CYS A 206 19.66 13.47 -13.80
CA CYS A 206 18.84 12.85 -12.79
C CYS A 206 18.28 11.55 -13.34
N ASP A 207 18.48 10.47 -12.59
CA ASP A 207 17.85 9.17 -12.87
C ASP A 207 16.42 9.07 -12.34
N LEU A 208 15.66 8.09 -12.82
CA LEU A 208 14.25 7.91 -12.43
C LEU A 208 14.14 6.47 -11.92
N VAL A 209 13.56 6.29 -10.75
CA VAL A 209 13.37 4.92 -10.22
C VAL A 209 11.95 4.84 -9.66
N THR A 210 11.03 4.12 -10.32
CA THR A 210 9.68 3.91 -9.75
C THR A 210 9.51 2.39 -9.64
N GLY A 211 8.34 1.93 -9.20
CA GLY A 211 8.16 0.44 -9.12
C GLY A 211 8.25 -0.22 -10.50
N GLU A 212 7.87 0.52 -11.55
CA GLU A 212 7.71 0.00 -12.92
C GLU A 212 8.72 0.48 -13.96
N GLU A 213 9.64 1.37 -13.57
CA GLU A 213 10.50 2.07 -14.53
C GLU A 213 11.81 2.47 -13.88
N ARG A 214 12.90 2.21 -14.59
CA ARG A 214 14.22 2.70 -14.19
C ARG A 214 14.82 3.37 -15.42
N VAL A 215 15.17 4.66 -15.32
CA VAL A 215 15.87 5.40 -16.38
C VAL A 215 17.20 5.87 -15.79
N THR A 216 18.28 5.50 -16.49
CA THR A 216 19.65 5.93 -16.19
C THR A 216 19.96 6.86 -17.34
N VAL A 217 20.00 8.16 -17.07
CA VAL A 217 20.20 9.12 -18.17
C VAL A 217 21.65 9.16 -18.69
N GLN A 218 22.61 8.65 -17.92
CA GLN A 218 24.01 8.79 -18.34
C GLN A 218 24.39 7.66 -19.27
N PRO A 219 24.87 8.01 -20.45
CA PRO A 219 25.25 7.02 -21.43
C PRO A 219 26.30 6.04 -20.87
N ASN A 220 27.05 6.43 -19.84
CA ASN A 220 28.03 5.50 -19.25
C ASN A 220 27.36 4.40 -18.41
N GLY A 221 26.05 4.53 -18.22
CA GLY A 221 25.31 3.51 -17.57
C GLY A 221 25.50 3.63 -16.08
N LYS A 222 26.37 4.55 -15.63
CA LYS A 222 26.54 4.75 -14.17
C LYS A 222 25.35 5.55 -13.63
N GLN A 223 25.09 5.39 -12.35
CA GLN A 223 24.09 6.21 -11.64
C GLN A 223 24.42 7.72 -11.60
N ALA A 224 23.44 8.52 -11.98
CA ALA A 224 23.59 9.97 -11.89
C ALA A 224 23.67 10.35 -10.40
N SER A 225 24.15 11.55 -10.09
CA SER A 225 24.34 11.89 -8.71
C SER A 225 23.03 12.47 -8.10
N HIS A 226 22.02 12.66 -8.97
CA HIS A 226 20.65 12.92 -8.50
C HIS A 226 19.74 11.79 -9.01
N VAL A 227 18.74 11.44 -8.24
CA VAL A 227 17.77 10.43 -8.61
C VAL A 227 16.40 10.92 -8.09
N SER A 228 15.33 10.63 -8.84
CA SER A 228 13.95 10.99 -8.44
C SER A 228 13.22 9.65 -8.34
N CYS A 229 12.60 9.35 -7.21
CA CYS A 229 12.04 7.98 -7.01
C CYS A 229 10.68 8.03 -6.32
N THR A 230 9.90 6.94 -6.44
CA THR A 230 8.75 6.80 -5.54
C THR A 230 9.35 6.34 -4.21
N VAL A 231 8.71 6.72 -3.12
CA VAL A 231 9.37 6.60 -1.76
C VAL A 231 9.77 5.19 -1.37
N GLU A 232 9.05 4.20 -1.88
CA GLU A 232 9.33 2.83 -1.54
C GLU A 232 10.62 2.37 -2.24
N CYS A 234 13.49 4.23 -2.66
CA CYS A 234 14.76 4.97 -2.29
C CYS A 234 15.79 3.99 -1.69
N SER A 235 17.07 4.31 -1.90
CA SER A 235 18.13 3.45 -1.40
C SER A 235 18.51 4.01 -0.01
N VAL A 236 18.66 3.13 1.00
CA VAL A 236 19.12 3.63 2.33
C VAL A 236 20.61 3.34 2.59
N THR A 237 21.32 3.00 1.53
CA THR A 237 22.73 2.71 1.67
C THR A 237 23.56 3.53 0.65
N THR A 238 22.99 4.60 0.13
CA THR A 238 23.68 5.47 -0.83
C THR A 238 23.85 6.85 -0.22
N PRO A 239 25.10 7.39 -0.20
CA PRO A 239 25.29 8.69 0.42
C PRO A 239 24.75 9.78 -0.49
N TYR A 240 24.11 10.79 0.12
CA TYR A 240 23.58 11.88 -0.66
C TYR A 240 23.83 13.11 0.14
N GLU A 241 24.00 14.24 -0.55
CA GLU A 241 24.13 15.51 0.12
C GLU A 241 22.76 15.96 0.64
N VAL A 242 21.76 15.81 -0.24
CA VAL A 242 20.41 16.28 0.10
C VAL A 242 19.36 15.21 -0.25
N ALA A 243 18.41 14.93 0.66
CA ALA A 243 17.23 14.08 0.35
C ALA A 243 16.00 14.95 0.57
N VAL A 244 14.95 14.75 -0.25
CA VAL A 244 13.66 15.41 -0.01
C VAL A 244 12.63 14.27 0.14
N ILE A 245 11.84 14.29 1.20
CA ILE A 245 10.76 13.31 1.38
C ILE A 245 9.50 14.09 1.29
N ASP A 246 8.71 13.86 0.24
CA ASP A 246 7.54 14.69 0.00
C ASP A 246 6.36 14.11 0.76
N GLU A 247 5.35 14.94 1.04
CA GLU A 247 4.17 14.52 1.78
C GLU A 247 4.49 13.67 3.06
N ILE A 248 5.29 14.24 3.96
CA ILE A 248 5.76 13.47 5.10
C ILE A 248 4.64 12.90 5.98
N GLN A 249 3.47 13.55 6.01
CA GLN A 249 2.40 13.05 6.85
C GLN A 249 1.87 11.69 6.41
N ILE A 251 3.50 9.24 6.49
CA ILE A 251 4.11 8.34 7.47
C ILE A 251 3.05 7.66 8.34
N ARG A 252 1.83 8.22 8.46
CA ARG A 252 0.82 7.59 9.28
C ARG A 252 -0.14 6.80 8.44
N ASP A 253 0.10 6.69 7.13
CA ASP A 253 -0.86 5.96 6.28
C ASP A 253 -0.94 4.48 6.72
N PRO A 254 -2.15 3.95 6.96
CA PRO A 254 -2.21 2.62 7.57
C PRO A 254 -1.53 1.49 6.75
N ALA A 255 -1.46 1.60 5.43
CA ALA A 255 -0.91 0.54 4.59
C ALA A 255 0.51 0.92 4.12
N ARG A 256 0.77 2.21 3.88
CA ARG A 256 2.00 2.62 3.21
C ARG A 256 2.98 3.36 4.11
N GLY A 257 2.58 3.63 5.34
CA GLY A 257 3.34 4.58 6.16
C GLY A 257 4.76 4.12 6.34
N TRP A 258 4.95 2.79 6.33
CA TRP A 258 6.27 2.17 6.56
C TRP A 258 7.36 2.69 5.64
N ALA A 259 6.97 3.07 4.43
CA ALA A 259 7.96 3.55 3.44
C ALA A 259 8.50 4.91 3.75
N TRP A 260 7.64 5.75 4.31
CA TRP A 260 8.07 7.01 4.83
C TRP A 260 8.93 6.88 6.10
N THR A 261 8.54 6.04 7.05
CA THR A 261 9.46 5.76 8.19
C THR A 261 10.83 5.28 7.73
N ARG A 262 10.87 4.38 6.73
CA ARG A 262 12.10 3.86 6.26
C ARG A 262 12.96 4.97 5.65
N ALA A 263 12.36 5.81 4.82
CA ALA A 263 13.15 6.91 4.24
C ALA A 263 13.61 7.92 5.30
N LEU A 264 12.71 8.32 6.18
CA LEU A 264 13.02 9.32 7.22
C LEU A 264 14.17 8.77 8.17
N LEU A 265 14.10 7.49 8.54
CA LEU A 265 15.12 6.94 9.51
C LEU A 265 16.38 6.51 8.82
N GLY A 266 16.26 6.20 7.51
CA GLY A 266 17.35 5.47 6.82
C GLY A 266 18.11 6.20 5.70
N LEU A 267 17.57 7.28 5.15
CA LEU A 267 18.30 7.94 4.03
C LEU A 267 19.63 8.51 4.53
N CYS A 268 20.73 8.18 3.86
CA CYS A 268 22.07 8.63 4.26
C CYS A 268 22.40 9.96 3.64
N ALA A 269 21.58 10.96 3.99
CA ALA A 269 21.73 12.28 3.45
C ALA A 269 22.16 13.21 4.55
N GLU A 270 23.06 14.14 4.22
CA GLU A 270 23.50 15.17 5.20
C GLU A 270 22.36 16.05 5.66
N GLU A 271 21.44 16.39 4.75
CA GLU A 271 20.25 17.16 5.13
C GLU A 271 19.09 16.39 4.58
N VAL A 272 18.16 16.02 5.47
CA VAL A 272 16.92 15.38 5.05
C VAL A 272 15.82 16.45 5.09
N HIS A 273 15.37 16.90 3.92
CA HIS A 273 14.30 17.92 3.80
C HIS A 273 12.94 17.23 3.76
N LEU A 274 12.00 17.60 4.64
CA LEU A 274 10.68 16.98 4.67
C LEU A 274 9.70 18.02 4.17
N CYS A 275 8.69 17.65 3.39
CA CYS A 275 7.64 18.61 3.05
C CYS A 275 6.28 18.08 3.43
N GLY A 276 5.51 18.90 4.16
CA GLY A 276 4.17 18.44 4.46
C GLY A 276 3.49 19.29 5.47
N GLU A 277 2.39 18.77 6.02
CA GLU A 277 1.61 19.59 6.92
C GLU A 277 2.16 19.69 8.35
N PRO A 278 1.83 20.80 9.04
CA PRO A 278 2.29 20.96 10.43
C PRO A 278 1.82 19.87 11.39
N ALA A 279 0.71 19.18 11.07
CA ALA A 279 0.27 18.09 11.89
C ALA A 279 1.29 16.92 11.99
N ALA A 280 2.27 16.86 11.09
CA ALA A 280 3.32 15.81 11.16
C ALA A 280 4.58 16.16 12.03
N ILE A 281 4.66 17.43 12.47
CA ILE A 281 5.85 17.99 13.11
C ILE A 281 6.13 17.31 14.43
N ASP A 282 5.10 17.13 15.24
CA ASP A 282 5.37 16.61 16.64
C ASP A 282 5.94 15.17 16.55
N LEU A 283 5.32 14.35 15.71
CA LEU A 283 5.85 13.00 15.52
C LEU A 283 7.30 13.02 15.02
N VAL A 284 7.57 13.86 14.04
CA VAL A 284 8.91 13.89 13.48
C VAL A 284 9.94 14.20 14.61
N GLU A 286 9.46 13.70 17.92
CA GLU A 286 9.58 12.49 18.79
C GLU A 286 10.54 11.46 18.17
N LEU A 287 10.42 11.20 16.88
CA LEU A 287 11.29 10.24 16.23
C LEU A 287 12.72 10.75 16.22
N TYR A 289 14.16 12.88 18.10
CA TYR A 289 14.71 12.78 19.48
C TYR A 289 15.32 11.39 19.72
N THR A 290 14.69 10.33 19.22
CA THR A 290 15.26 9.02 19.47
C THR A 290 16.53 8.85 18.62
N THR A 291 16.70 9.59 17.55
CA THR A 291 17.94 9.40 16.77
C THR A 291 18.98 10.43 17.15
N GLY A 292 18.62 11.37 18.06
CA GLY A 292 19.53 12.51 18.38
C GLY A 292 19.85 13.44 17.18
N GLU A 293 18.91 13.63 16.28
CA GLU A 293 19.16 14.42 15.07
C GLU A 293 18.40 15.70 15.21
N GLU A 294 19.03 16.81 14.83
CA GLU A 294 18.41 18.10 14.94
C GLU A 294 17.26 18.21 13.97
N VAL A 295 16.15 18.83 14.42
CA VAL A 295 15.02 19.22 13.57
C VAL A 295 14.95 20.73 13.44
N GLU A 296 15.07 21.27 12.23
CA GLU A 296 14.78 22.70 12.04
C GLU A 296 13.44 22.85 11.33
N VAL A 297 12.46 23.51 11.92
CA VAL A 297 11.19 23.72 11.20
C VAL A 297 11.22 25.06 10.41
N ARG A 298 10.86 25.06 9.13
CA ARG A 298 10.77 26.29 8.33
C ARG A 298 9.33 26.38 7.91
N ASP A 299 8.66 27.48 8.21
CA ASP A 299 7.23 27.62 7.94
C ASP A 299 7.01 28.42 6.66
N TYR A 300 5.96 28.08 5.93
CA TYR A 300 5.63 28.78 4.69
C TYR A 300 4.17 29.12 4.70
N LYS A 301 3.85 30.27 4.12
CA LYS A 301 2.46 30.70 3.92
C LYS A 301 2.07 30.56 2.43
N ARG A 302 0.76 30.47 2.11
CA ARG A 302 0.25 30.46 0.73
C ARG A 302 0.90 31.57 -0.13
N LEU A 303 1.29 31.23 -1.34
CA LEU A 303 1.94 32.18 -2.25
C LEU A 303 0.94 33.20 -2.80
N THR A 304 -0.33 32.81 -2.91
CA THR A 304 -1.36 33.67 -3.52
C THR A 304 -2.61 33.74 -2.61
N PRO A 305 -3.49 34.78 -2.80
CA PRO A 305 -4.70 34.75 -1.98
C PRO A 305 -5.62 33.57 -2.26
N ILE A 306 -6.44 33.22 -1.28
CA ILE A 306 -7.50 32.26 -1.45
C ILE A 306 -8.66 32.66 -0.51
N SER A 307 -9.88 32.39 -0.93
CA SER A 307 -11.06 32.68 -0.10
C SER A 307 -12.16 31.67 -0.40
N VAL A 308 -12.97 31.37 0.62
CA VAL A 308 -14.19 30.56 0.48
C VAL A 308 -15.35 31.50 0.25
N LEU A 309 -16.24 31.12 -0.65
CA LEU A 309 -17.28 32.04 -1.09
C LEU A 309 -18.45 32.02 -0.09
N ASP A 310 -19.35 32.99 -0.22
CA ASP A 310 -20.59 33.05 0.60
C ASP A 310 -21.77 32.40 -0.07
N HIS A 311 -21.59 32.07 -1.34
CA HIS A 311 -22.58 31.41 -2.18
C HIS A 311 -22.08 30.05 -2.66
N ALA A 312 -22.93 29.02 -2.54
CA ALA A 312 -22.79 27.75 -3.23
C ALA A 312 -22.81 28.01 -4.75
N LEU A 313 -22.29 27.08 -5.55
CA LEU A 313 -22.48 27.16 -6.99
C LEU A 313 -23.99 27.06 -7.34
N GLU A 314 -24.72 26.27 -6.54
CA GLU A 314 -26.17 26.05 -6.65
C GLU A 314 -26.62 25.34 -7.94
N SER A 315 -26.16 25.82 -9.09
CA SER A 315 -26.60 25.27 -10.38
C SER A 315 -25.45 25.25 -11.38
N LEU A 316 -25.43 24.20 -12.20
CA LEU A 316 -24.37 24.05 -13.19
C LEU A 316 -24.45 25.20 -14.28
N ASP A 317 -25.60 25.88 -14.40
CA ASP A 317 -25.72 27.14 -15.15
C ASP A 317 -24.67 28.17 -14.74
N ASN A 318 -24.23 28.08 -13.48
CA ASN A 318 -23.28 29.05 -12.92
C ASN A 318 -21.79 28.69 -13.16
N LEU A 319 -21.56 27.67 -13.97
CA LEU A 319 -20.16 27.26 -14.23
C LEU A 319 -19.37 28.35 -14.96
N ARG A 320 -18.10 28.49 -14.68
CA ARG A 320 -17.30 29.52 -15.34
C ARG A 320 -15.98 28.85 -15.73
N PRO A 321 -15.33 29.32 -16.82
CA PRO A 321 -13.99 28.76 -17.16
C PRO A 321 -13.06 28.71 -15.95
N GLY A 322 -12.38 27.58 -15.74
CA GLY A 322 -11.44 27.49 -14.61
C GLY A 322 -12.12 26.86 -13.41
N ASP A 323 -13.40 26.51 -13.52
CA ASP A 323 -14.04 25.78 -12.46
C ASP A 323 -13.54 24.32 -12.42
N CYS A 324 -13.36 23.80 -11.21
CA CYS A 324 -13.15 22.36 -10.99
C CYS A 324 -14.16 21.85 -10.01
N ILE A 325 -14.98 20.90 -10.48
CA ILE A 325 -15.92 20.30 -9.58
C ILE A 325 -15.26 19.02 -9.04
N VAL A 326 -15.09 18.95 -7.73
CA VAL A 326 -14.46 17.78 -7.09
C VAL A 326 -15.53 16.82 -6.60
N CYS A 327 -15.49 15.59 -7.08
CA CYS A 327 -16.46 14.54 -6.70
C CYS A 327 -15.78 13.36 -5.92
N PHE A 328 -16.53 12.71 -5.05
CA PHE A 328 -16.01 11.54 -4.27
C PHE A 328 -16.56 10.16 -4.70
N SER A 329 -17.16 10.08 -5.89
CA SER A 329 -17.38 8.75 -6.46
C SER A 329 -17.35 8.88 -7.97
N LYS A 330 -17.06 7.77 -8.64
CA LYS A 330 -16.92 7.82 -10.08
C LYS A 330 -18.32 8.03 -10.66
N ASN A 331 -19.37 7.57 -9.95
CA ASN A 331 -20.72 7.83 -10.47
C ASN A 331 -21.05 9.33 -10.58
N ASP A 332 -20.63 10.11 -9.59
CA ASP A 332 -20.77 11.56 -9.64
C ASP A 332 -19.96 12.11 -10.81
N ILE A 333 -18.73 11.61 -11.01
CA ILE A 333 -17.92 12.04 -12.13
C ILE A 333 -18.71 11.88 -13.46
N TYR A 334 -19.30 10.71 -13.69
CA TYR A 334 -20.02 10.46 -14.92
C TYR A 334 -21.25 11.33 -15.05
N SER A 335 -22.03 11.40 -13.98
CA SER A 335 -23.28 12.10 -14.01
C SER A 335 -23.02 13.58 -14.21
N VAL A 336 -22.06 14.14 -13.48
CA VAL A 336 -21.75 15.57 -13.62
C VAL A 336 -21.18 15.88 -15.04
N SER A 337 -20.25 15.07 -15.51
CA SER A 337 -19.68 15.38 -16.82
C SER A 337 -20.79 15.31 -17.93
N ARG A 338 -21.75 14.38 -17.79
CA ARG A 338 -22.83 14.31 -18.76
C ARG A 338 -23.81 15.48 -18.58
N GLN A 339 -24.10 15.86 -17.34
CA GLN A 339 -24.96 17.00 -17.12
C GLN A 339 -24.36 18.24 -17.78
N ILE A 340 -23.05 18.41 -17.63
CA ILE A 340 -22.34 19.55 -18.23
C ILE A 340 -22.45 19.54 -19.76
N GLU A 341 -22.29 18.34 -20.34
CA GLU A 341 -22.42 18.19 -21.77
C GLU A 341 -23.81 18.59 -22.29
N ILE A 342 -24.86 18.15 -21.61
CA ILE A 342 -26.19 18.39 -22.10
C ILE A 342 -26.49 19.90 -22.00
N ARG A 343 -25.75 20.61 -21.15
CA ARG A 343 -25.73 22.08 -21.16
C ARG A 343 -24.89 22.71 -22.26
N GLY A 344 -24.21 21.94 -23.10
CA GLY A 344 -23.54 22.53 -24.28
C GLY A 344 -22.12 22.92 -23.90
N LEU A 345 -21.67 22.43 -22.76
CA LEU A 345 -20.31 22.67 -22.33
C LEU A 345 -19.46 21.43 -22.37
N GLU A 346 -18.18 21.64 -22.59
CA GLU A 346 -17.23 20.55 -22.57
C GLU A 346 -16.57 20.49 -21.18
N SER A 347 -16.13 19.32 -20.75
CA SER A 347 -15.28 19.30 -19.52
C SER A 347 -14.21 18.24 -19.64
N ALA A 348 -13.11 18.45 -18.91
CA ALA A 348 -12.04 17.47 -18.80
C ALA A 348 -12.35 16.57 -17.62
N VAL A 349 -11.73 15.38 -17.59
CA VAL A 349 -12.06 14.43 -16.50
C VAL A 349 -10.72 13.90 -15.96
N ILE A 350 -10.56 13.89 -14.64
CA ILE A 350 -9.38 13.28 -14.07
C ILE A 350 -9.76 12.37 -12.89
N TYR A 351 -9.37 11.10 -12.91
CA TYR A 351 -9.52 10.30 -11.71
C TYR A 351 -8.28 9.39 -11.57
N GLY A 352 -8.17 8.75 -10.39
CA GLY A 352 -6.91 8.05 -10.00
C GLY A 352 -6.51 6.91 -10.95
N SER A 353 -7.48 6.10 -11.38
CA SER A 353 -7.11 4.92 -12.18
C SER A 353 -6.84 5.23 -13.65
N LEU A 354 -6.94 6.50 -14.07
CA LEU A 354 -6.45 6.77 -15.43
C LEU A 354 -4.92 6.48 -15.60
N PRO A 355 -4.51 6.03 -16.79
CA PRO A 355 -3.10 6.01 -17.01
C PRO A 355 -2.47 7.41 -17.04
N PRO A 356 -1.14 7.47 -16.95
CA PRO A 356 -0.65 8.78 -16.70
C PRO A 356 -0.66 9.64 -17.94
N GLY A 357 -0.53 9.08 -19.14
CA GLY A 357 -0.53 9.98 -20.31
C GLY A 357 -1.93 10.62 -20.50
N THR A 358 -2.98 9.85 -20.23
CA THR A 358 -4.36 10.37 -20.21
C THR A 358 -4.57 11.43 -19.16
N LYS A 359 -4.12 11.19 -17.91
CA LYS A 359 -4.31 12.24 -16.90
C LYS A 359 -3.63 13.53 -17.40
N LEU A 360 -2.41 13.40 -17.89
CA LEU A 360 -1.67 14.59 -18.35
C LEU A 360 -2.39 15.26 -19.55
N ALA A 361 -3.03 14.47 -20.40
CA ALA A 361 -3.63 15.05 -21.67
C ALA A 361 -4.91 15.77 -21.27
N GLN A 362 -5.65 15.19 -20.33
CA GLN A 362 -6.82 15.87 -19.81
C GLN A 362 -6.42 17.12 -19.09
N ALA A 363 -5.39 17.03 -18.22
CA ALA A 363 -4.92 18.19 -17.50
C ALA A 363 -4.52 19.35 -18.50
N LYS A 364 -3.75 18.99 -19.51
CA LYS A 364 -3.26 19.97 -20.48
C LYS A 364 -4.43 20.68 -21.24
N LYS A 365 -5.46 19.92 -21.65
CA LYS A 365 -6.67 20.52 -22.30
C LYS A 365 -7.34 21.52 -21.32
N PHE A 366 -7.54 21.08 -20.08
CA PHE A 366 -8.18 21.91 -19.09
C PHE A 366 -7.31 23.11 -18.83
N ASN A 367 -5.98 22.95 -18.74
CA ASN A 367 -5.16 24.10 -18.36
C ASN A 367 -4.98 25.12 -19.51
N ASP A 368 -5.06 24.64 -20.75
CA ASP A 368 -4.74 25.49 -21.93
C ASP A 368 -5.86 26.59 -22.03
N PRO A 369 -5.49 27.86 -21.82
CA PRO A 369 -6.57 28.88 -21.81
C PRO A 369 -7.31 29.02 -23.17
N ASN A 370 -6.64 28.58 -24.24
CA ASN A 370 -7.14 28.71 -25.63
C ASN A 370 -7.93 27.51 -26.11
N ASP A 371 -7.99 26.47 -25.25
CA ASP A 371 -8.84 25.34 -25.47
C ASP A 371 -10.20 25.61 -24.82
N PRO A 372 -11.32 25.54 -25.57
CA PRO A 372 -12.62 25.90 -24.94
C PRO A 372 -13.13 24.88 -23.88
N CYS A 373 -12.41 23.77 -23.68
CA CYS A 373 -12.75 22.84 -22.60
C CYS A 373 -12.18 23.49 -21.35
N LYS A 374 -13.02 24.00 -20.48
CA LYS A 374 -12.52 24.92 -19.43
C LYS A 374 -13.09 24.62 -18.07
N ILE A 375 -13.77 23.49 -17.95
CA ILE A 375 -14.28 22.96 -16.69
C ILE A 375 -13.57 21.61 -16.50
N LEU A 376 -13.21 21.33 -15.26
CA LEU A 376 -12.67 20.03 -14.91
C LEU A 376 -13.62 19.37 -13.87
N VAL A 377 -13.92 18.12 -14.17
CA VAL A 377 -14.61 17.21 -13.27
C VAL A 377 -13.57 16.17 -12.78
N ALA A 378 -13.28 16.18 -11.51
CA ALA A 378 -12.19 15.37 -11.02
C ALA A 378 -12.51 14.78 -9.61
N THR A 379 -11.81 13.72 -9.23
CA THR A 379 -11.92 13.16 -7.88
C THR A 379 -10.83 13.89 -7.03
N ASP A 380 -10.70 13.48 -5.75
CA ASP A 380 -9.62 13.95 -4.88
C ASP A 380 -8.26 13.57 -5.37
N ALA A 381 -8.18 12.82 -6.49
CA ALA A 381 -6.85 12.53 -7.08
C ALA A 381 -6.13 13.80 -7.52
N ILE A 382 -6.84 14.92 -7.71
CA ILE A 382 -6.16 16.17 -8.06
C ILE A 382 -5.42 16.82 -6.87
N GLY A 383 -5.61 16.27 -5.67
CA GLY A 383 -4.99 16.79 -4.44
C GLY A 383 -3.47 16.89 -4.56
N GLY A 385 0.23 15.89 -7.28
CA GLY A 385 0.88 15.32 -8.41
C GLY A 385 0.50 15.88 -9.77
N LEU A 386 -0.40 16.84 -9.85
CA LEU A 386 -0.68 17.48 -11.16
C LEU A 386 -0.75 18.98 -11.01
N ASN A 387 -0.07 19.69 -11.90
CA ASN A 387 -0.11 21.15 -11.91
C ASN A 387 -1.33 21.56 -12.67
N LEU A 388 -2.32 22.08 -11.97
CA LEU A 388 -3.63 22.43 -12.57
C LEU A 388 -3.91 23.92 -12.36
N SER A 389 -4.44 24.58 -13.41
CA SER A 389 -4.78 26.01 -13.36
C SER A 389 -6.24 26.12 -13.08
N ILE A 390 -6.57 26.24 -11.80
CA ILE A 390 -7.96 26.18 -11.38
C ILE A 390 -8.27 27.48 -10.71
N ARG A 391 -9.36 28.07 -11.15
CA ARG A 391 -9.78 29.34 -10.58
C ARG A 391 -10.63 29.07 -9.34
N ARG A 392 -11.47 28.04 -9.39
CA ARG A 392 -12.47 27.85 -8.33
C ARG A 392 -12.69 26.37 -8.21
N ILE A 393 -12.47 25.86 -6.98
CA ILE A 393 -12.84 24.48 -6.53
C ILE A 393 -14.31 24.49 -6.09
N ILE A 394 -15.10 23.56 -6.55
CA ILE A 394 -16.44 23.41 -6.06
C ILE A 394 -16.52 21.98 -5.54
N PHE A 395 -16.64 21.80 -4.22
CA PHE A 395 -16.85 20.45 -3.69
C PHE A 395 -18.28 20.06 -4.09
N TYR A 396 -18.45 18.98 -4.84
CA TYR A 396 -19.79 18.49 -5.22
C TYR A 396 -20.55 17.92 -4.03
N SER A 397 -19.82 17.23 -3.16
CA SER A 397 -20.36 16.74 -1.88
C SER A 397 -19.20 16.73 -0.94
N LEU A 398 -19.48 16.29 0.28
CA LEU A 398 -18.56 16.38 1.39
C LEU A 398 -18.40 15.01 2.09
N ILE A 399 -19.05 13.99 1.55
CA ILE A 399 -19.03 12.59 2.01
C ILE A 399 -18.16 11.72 1.07
N LYS A 400 -17.29 10.86 1.61
CA LYS A 400 -16.38 10.00 0.81
C LYS A 400 -16.92 8.56 0.77
N GLU A 412 -19.20 8.84 5.48
CA GLU A 412 -18.18 9.63 6.16
C GLU A 412 -17.69 10.92 5.46
N PRO A 413 -17.69 12.03 6.21
CA PRO A 413 -17.24 13.34 5.71
C PRO A 413 -15.74 13.43 5.46
N ILE A 414 -15.33 14.13 4.40
CA ILE A 414 -13.90 14.38 4.18
C ILE A 414 -13.22 15.03 5.43
N THR A 415 -11.95 14.74 5.66
CA THR A 415 -11.25 15.25 6.85
C THR A 415 -10.78 16.65 6.59
N THR A 416 -10.44 17.38 7.64
CA THR A 416 -9.94 18.72 7.51
C THR A 416 -8.71 18.75 6.57
N SER A 417 -7.80 17.77 6.73
CA SER A 417 -6.61 17.73 5.90
C SER A 417 -6.94 17.56 4.42
N GLN A 418 -7.87 16.67 4.12
CA GLN A 418 -8.24 16.41 2.73
C GLN A 418 -8.83 17.67 2.14
N ALA A 419 -9.78 18.29 2.84
CA ALA A 419 -10.44 19.54 2.35
C ALA A 419 -9.40 20.62 2.00
N LEU A 420 -8.43 20.77 2.86
CA LEU A 420 -7.47 21.89 2.74
C LEU A 420 -6.55 21.60 1.56
N GLN A 421 -6.12 20.33 1.43
CA GLN A 421 -5.32 19.96 0.27
C GLN A 421 -6.13 20.21 -1.03
N ILE A 422 -7.40 19.81 -1.05
CA ILE A 422 -8.18 19.93 -2.29
C ILE A 422 -8.45 21.43 -2.64
N ALA A 423 -9.01 22.13 -1.65
CA ALA A 423 -9.25 23.58 -1.70
C ALA A 423 -8.06 24.37 -2.25
N GLY A 424 -6.89 24.07 -1.70
CA GLY A 424 -5.68 24.82 -1.97
C GLY A 424 -5.17 24.68 -3.40
N ARG A 425 -5.71 23.70 -4.17
CA ARG A 425 -5.38 23.60 -5.60
C ARG A 425 -5.89 24.81 -6.47
N ALA A 426 -6.90 25.55 -6.01
CA ALA A 426 -7.31 26.83 -6.67
C ALA A 426 -6.21 27.91 -6.52
N GLY A 427 -5.89 28.60 -7.60
CA GLY A 427 -5.04 29.78 -7.49
C GLY A 427 -3.53 29.49 -7.34
N ARG A 428 -3.06 28.41 -7.97
CA ARG A 428 -1.66 28.01 -7.77
C ARG A 428 -0.69 29.06 -8.39
N PHE A 429 0.43 29.32 -7.70
CA PHE A 429 1.38 30.35 -8.09
C PHE A 429 1.88 30.13 -9.53
N SER A 430 2.00 28.85 -9.94
CA SER A 430 2.51 28.48 -11.27
C SER A 430 1.42 28.49 -12.33
N SER A 431 0.20 28.92 -11.97
CA SER A 431 -0.89 29.09 -12.96
C SER A 431 -1.15 30.59 -13.29
N ARG A 432 -1.97 30.83 -14.33
CA ARG A 432 -2.41 32.21 -14.60
C ARG A 432 -3.50 32.70 -13.60
N PHE A 433 -4.04 31.84 -12.73
CA PHE A 433 -5.01 32.37 -11.75
C PHE A 433 -4.30 32.92 -10.50
N LYS A 434 -4.35 34.25 -10.30
CA LYS A 434 -3.57 34.95 -9.25
C LYS A 434 -4.20 34.79 -7.82
N GLU A 435 -5.39 34.25 -7.78
CA GLU A 435 -6.17 34.16 -6.56
C GLU A 435 -7.09 32.96 -6.73
N GLY A 436 -7.40 32.28 -5.62
CA GLY A 436 -8.25 31.11 -5.70
C GLY A 436 -9.59 31.31 -5.02
N GLU A 437 -10.58 30.52 -5.45
CA GLU A 437 -11.90 30.52 -4.79
C GLU A 437 -12.28 29.10 -4.53
N VAL A 438 -13.12 28.89 -3.52
CA VAL A 438 -13.54 27.59 -3.07
C VAL A 438 -14.99 27.70 -2.63
N THR A 439 -15.81 26.75 -3.02
CA THR A 439 -17.18 26.70 -2.55
C THR A 439 -17.68 25.27 -2.70
N THR A 440 -18.95 25.07 -2.36
CA THR A 440 -19.62 23.80 -2.58
C THR A 440 -20.70 23.99 -3.66
N ASN A 442 -23.93 22.61 -3.39
CA ASN A 442 -25.20 22.89 -2.75
C ASN A 442 -25.02 23.80 -1.55
N HIS A 443 -26.02 24.66 -1.35
CA HIS A 443 -25.99 25.68 -0.28
C HIS A 443 -25.89 25.07 1.17
N GLU A 444 -26.63 23.99 1.48
CA GLU A 444 -26.56 23.38 2.87
C GLU A 444 -25.12 22.93 3.27
N ASP A 445 -24.31 22.65 2.25
CA ASP A 445 -22.97 22.14 2.47
C ASP A 445 -21.95 23.21 2.82
N LEU A 446 -22.31 24.47 2.58
CA LEU A 446 -21.33 25.56 2.62
C LEU A 446 -20.75 25.86 4.02
N SER A 447 -21.60 25.95 5.05
CA SER A 447 -21.07 26.15 6.42
C SER A 447 -20.42 24.87 6.96
N LEU A 448 -20.92 23.69 6.59
CA LEU A 448 -20.21 22.45 6.91
C LEU A 448 -18.76 22.49 6.36
N LEU A 449 -18.60 22.92 5.10
CA LEU A 449 -17.25 23.13 4.50
C LEU A 449 -16.35 24.16 5.22
N LYS A 450 -16.93 25.34 5.49
CA LYS A 450 -16.26 26.37 6.30
C LYS A 450 -15.81 25.82 7.65
N GLU A 451 -16.71 25.05 8.28
CA GLU A 451 -16.40 24.45 9.56
C GLU A 451 -15.24 23.42 9.46
N ILE A 452 -15.30 22.54 8.46
CA ILE A 452 -14.29 21.51 8.25
C ILE A 452 -12.94 22.17 7.99
N LEU A 453 -12.93 23.25 7.20
CA LEU A 453 -11.70 23.89 6.77
C LEU A 453 -10.95 24.56 7.90
N LYS A 454 -11.67 25.03 8.91
CA LYS A 454 -11.03 25.87 9.94
C LYS A 454 -10.75 25.05 11.21
N ARG A 455 -11.27 23.82 11.26
CA ARG A 455 -11.19 23.00 12.46
C ARG A 455 -9.74 22.55 12.71
N PRO A 456 -9.24 22.66 13.96
CA PRO A 456 -7.83 22.28 14.18
C PRO A 456 -7.59 20.83 13.80
N VAL A 457 -6.41 20.52 13.33
CA VAL A 457 -6.11 19.12 12.98
C VAL A 457 -5.27 18.54 14.12
N ASP A 458 -5.58 17.36 14.64
CA ASP A 458 -4.75 16.80 15.73
C ASP A 458 -3.35 16.36 15.25
N PRO A 459 -2.33 16.52 16.07
CA PRO A 459 -1.04 15.94 15.65
C PRO A 459 -1.19 14.44 15.29
N ILE A 460 -0.57 13.97 14.20
CA ILE A 460 -0.47 12.57 13.95
C ILE A 460 0.41 11.93 15.07
N ARG A 461 0.09 10.70 15.44
CA ARG A 461 0.67 10.10 16.67
C ARG A 461 1.72 9.02 16.45
N ALA A 462 1.71 8.37 15.30
CA ALA A 462 2.59 7.19 15.11
C ALA A 462 2.96 6.98 13.65
N ALA A 463 4.12 6.35 13.45
CA ALA A 463 4.75 6.10 12.16
C ALA A 463 4.59 4.62 11.80
N GLY A 464 4.33 4.28 10.53
CA GLY A 464 4.08 2.86 10.17
C GLY A 464 5.39 2.08 10.05
N LEU A 465 5.31 0.79 10.29
CA LEU A 465 6.39 -0.19 10.11
C LEU A 465 5.77 -1.39 9.38
N HIS A 466 6.59 -2.16 8.67
CA HIS A 466 6.10 -3.43 8.18
C HIS A 466 7.12 -4.56 8.38
N PRO A 467 6.69 -5.79 8.39
CA PRO A 467 7.64 -6.94 8.48
C PRO A 467 8.57 -6.95 7.24
N THR A 468 9.86 -7.15 7.36
CA THR A 468 10.72 -7.30 6.15
C THR A 468 10.61 -8.76 5.59
N ALA A 469 11.02 -8.93 4.34
CA ALA A 469 11.13 -10.22 3.70
C ALA A 469 12.00 -11.19 4.56
N GLU A 470 13.11 -10.72 5.08
CA GLU A 470 13.99 -11.56 5.90
C GLU A 470 13.32 -12.02 7.17
N GLN A 471 12.57 -11.14 7.85
CA GLN A 471 11.84 -11.52 9.07
C GLN A 471 10.84 -12.61 8.73
N ILE A 472 10.08 -12.45 7.65
CA ILE A 472 9.06 -13.45 7.35
C ILE A 472 9.76 -14.73 6.92
N GLU A 473 10.91 -14.66 6.24
CA GLU A 473 11.53 -15.87 5.80
C GLU A 473 11.99 -16.64 7.08
N PHE A 475 10.57 -16.47 10.04
CA PHE A 475 9.32 -17.05 10.59
C PHE A 475 9.00 -18.35 9.89
N ALA A 476 9.17 -18.38 8.57
CA ALA A 476 8.80 -19.55 7.79
C ALA A 476 9.73 -20.74 8.06
N TYR A 477 11.01 -20.48 8.41
CA TYR A 477 11.90 -21.61 8.77
C TYR A 477 11.42 -22.25 10.08
N HIS A 478 10.86 -21.42 11.00
CA HIS A 478 10.37 -21.93 12.30
C HIS A 478 9.04 -22.59 12.18
N LEU A 479 8.21 -22.10 11.28
CA LEU A 479 6.86 -22.61 11.10
C LEU A 479 6.64 -22.96 9.66
N PRO A 480 7.28 -24.05 9.20
CA PRO A 480 7.33 -24.34 7.76
C PRO A 480 6.00 -24.86 7.17
N ASP A 481 5.01 -25.11 8.03
CA ASP A 481 3.74 -25.64 7.48
C ASP A 481 2.66 -24.55 7.50
N ALA A 482 3.02 -23.36 7.94
CA ALA A 482 1.99 -22.29 8.02
C ALA A 482 1.83 -21.67 6.64
N THR A 483 0.61 -21.27 6.29
CA THR A 483 0.47 -20.55 5.03
C THR A 483 1.06 -19.15 5.18
N LEU A 484 1.33 -18.46 4.10
CA LEU A 484 2.00 -17.18 4.27
C LEU A 484 1.03 -16.16 4.93
N SER A 485 -0.24 -16.18 4.54
CA SER A 485 -1.18 -15.23 5.17
C SER A 485 -1.25 -15.45 6.70
N ASN A 486 -1.24 -16.75 7.11
CA ASN A 486 -1.18 -17.11 8.56
C ASN A 486 0.13 -16.67 9.21
N LEU A 487 1.27 -16.80 8.54
CA LEU A 487 2.53 -16.36 9.13
C LEU A 487 2.49 -14.86 9.38
N ILE A 488 1.89 -14.08 8.46
CA ILE A 488 1.83 -12.66 8.61
C ILE A 488 1.01 -12.35 9.86
N ASP A 489 -0.14 -12.99 10.07
CA ASP A 489 -0.97 -12.72 11.23
C ASP A 489 -0.21 -13.10 12.55
N ILE A 490 0.51 -14.20 12.49
CA ILE A 490 1.29 -14.65 13.71
C ILE A 490 2.44 -13.66 13.94
N PHE A 491 3.07 -13.22 12.87
CA PHE A 491 4.14 -12.25 13.04
C PHE A 491 3.59 -10.98 13.73
N VAL A 492 2.48 -10.48 13.20
CA VAL A 492 1.95 -9.24 13.70
C VAL A 492 1.59 -9.42 15.19
N ASP A 493 1.04 -10.59 15.54
CA ASP A 493 0.56 -10.85 16.90
C ASP A 493 1.75 -10.94 17.85
N PHE A 494 2.86 -11.57 17.43
CA PHE A 494 4.05 -11.68 18.28
C PHE A 494 4.85 -10.34 18.32
N SER A 495 4.75 -9.52 17.26
CA SER A 495 5.63 -8.31 17.15
C SER A 495 5.53 -7.33 18.29
N GLN A 496 6.58 -6.59 18.58
CA GLN A 496 6.46 -5.56 19.63
C GLN A 496 6.95 -4.26 18.98
N VAL A 497 6.30 -3.15 19.28
CA VAL A 497 6.71 -1.83 18.74
C VAL A 497 6.81 -0.80 19.85
N ASP A 498 7.64 0.22 19.68
CA ASP A 498 7.70 1.34 20.63
C ASP A 498 6.46 2.22 20.42
N GLY A 499 6.18 3.10 21.41
CA GLY A 499 4.95 3.94 21.46
C GLY A 499 4.75 4.87 20.26
N GLN A 500 5.82 5.28 19.59
CA GLN A 500 5.56 6.12 18.44
C GLN A 500 5.39 5.41 17.08
N TYR A 501 5.18 4.09 17.09
CA TYR A 501 5.07 3.36 15.82
C TYR A 501 3.85 2.45 15.82
N PHE A 502 3.42 1.97 14.65
CA PHE A 502 2.39 0.93 14.58
C PHE A 502 2.75 0.05 13.37
N VAL A 503 2.21 -1.17 13.35
CA VAL A 503 2.47 -2.09 12.24
C VAL A 503 1.43 -1.86 11.15
N CYS A 504 1.90 -1.60 9.96
CA CYS A 504 0.96 -1.25 8.89
C CYS A 504 -0.01 -2.42 8.60
N ASN A 505 -1.18 -2.10 8.04
CA ASN A 505 -2.16 -3.07 7.59
C ASN A 505 -1.57 -3.98 6.50
N ASP A 507 -3.55 -6.22 4.64
CA ASP A 507 -4.66 -6.85 3.98
C ASP A 507 -4.41 -7.08 2.51
N ASP A 508 -3.88 -6.10 1.79
CA ASP A 508 -3.57 -6.36 0.39
C ASP A 508 -2.58 -7.48 0.20
N PHE A 509 -1.55 -7.48 1.03
CA PHE A 509 -0.51 -8.49 0.88
C PHE A 509 -1.16 -9.91 1.12
N LYS A 510 -2.02 -9.99 2.15
CA LYS A 510 -2.68 -11.28 2.50
C LYS A 510 -3.68 -11.70 1.44
N PHE A 511 -4.35 -10.72 0.79
CA PHE A 511 -5.24 -11.10 -0.31
C PHE A 511 -4.43 -11.75 -1.43
N SER A 512 -3.32 -11.12 -1.82
CA SER A 512 -2.49 -11.81 -2.86
C SER A 512 -1.99 -13.16 -2.41
N ALA A 513 -1.56 -13.28 -1.13
CA ALA A 513 -1.02 -14.55 -0.64
C ALA A 513 -2.10 -15.65 -0.78
N GLU A 514 -3.36 -15.31 -0.40
CA GLU A 514 -4.43 -16.30 -0.49
C GLU A 514 -4.74 -16.65 -1.94
N LEU A 515 -4.65 -15.68 -2.85
CA LEU A 515 -4.89 -15.91 -4.26
C LEU A 515 -3.88 -16.97 -4.86
N ILE A 516 -2.59 -16.87 -4.53
CA ILE A 516 -1.56 -17.71 -5.12
C ILE A 516 -1.10 -18.83 -4.23
N GLN A 517 -1.83 -19.12 -3.17
CA GLN A 517 -1.34 -20.06 -2.15
C GLN A 517 -1.15 -21.46 -2.76
N HIS A 518 -1.85 -21.76 -3.84
CA HIS A 518 -1.69 -23.10 -4.45
C HIS A 518 -0.53 -23.20 -5.41
N ILE A 519 0.14 -22.09 -5.68
CA ILE A 519 1.26 -22.12 -6.64
C ILE A 519 2.57 -22.39 -5.85
N PRO A 520 3.39 -23.41 -6.28
CA PRO A 520 4.70 -23.65 -5.63
C PRO A 520 5.72 -22.58 -5.96
N LEU A 521 6.21 -21.92 -4.91
CA LEU A 521 7.13 -20.79 -4.97
C LEU A 521 7.93 -20.83 -3.67
N SER A 522 9.20 -20.40 -3.73
CA SER A 522 10.01 -20.26 -2.50
C SER A 522 9.44 -19.04 -1.76
N LEU A 523 9.69 -19.01 -0.45
CA LEU A 523 9.18 -17.96 0.40
C LEU A 523 9.51 -16.59 -0.13
N ARG A 524 10.76 -16.35 -0.51
CA ARG A 524 11.19 -14.99 -0.83
C ARG A 524 10.52 -14.60 -2.13
N VAL A 525 10.39 -15.54 -3.05
CA VAL A 525 9.64 -15.24 -4.32
C VAL A 525 8.17 -14.93 -4.06
N ARG A 526 7.49 -15.78 -3.28
CA ARG A 526 6.09 -15.57 -2.92
C ARG A 526 5.91 -14.18 -2.28
N TYR A 527 6.85 -13.80 -1.41
CA TYR A 527 6.80 -12.51 -0.72
C TYR A 527 6.79 -11.39 -1.73
N VAL A 528 7.69 -11.48 -2.70
CA VAL A 528 7.74 -10.46 -3.75
C VAL A 528 6.43 -10.42 -4.54
N PHE A 529 5.95 -11.57 -5.00
CA PHE A 529 4.64 -11.59 -5.73
C PHE A 529 3.51 -10.96 -4.92
N CYS A 530 3.48 -11.18 -3.59
CA CYS A 530 2.39 -10.61 -2.76
C CYS A 530 2.60 -9.15 -2.47
N THR A 531 3.81 -8.62 -2.72
CA THR A 531 3.98 -7.19 -2.58
C THR A 531 3.66 -6.42 -3.90
N ALA A 532 3.49 -7.11 -5.05
CA ALA A 532 3.19 -6.40 -6.30
C ALA A 532 1.85 -5.66 -6.12
N PRO A 533 1.81 -4.33 -6.40
CA PRO A 533 0.54 -3.60 -6.01
C PRO A 533 -0.53 -3.85 -7.05
N ILE A 534 -1.67 -4.46 -6.67
CA ILE A 534 -2.72 -4.78 -7.63
C ILE A 534 -4.05 -4.22 -7.12
N ASN A 535 -4.94 -3.91 -8.05
CA ASN A 535 -6.34 -3.57 -7.67
C ASN A 535 -7.17 -4.87 -7.63
N LYS A 536 -7.38 -5.36 -6.43
CA LYS A 536 -8.02 -6.63 -6.20
C LYS A 536 -9.48 -6.59 -6.65
N LYS A 537 -10.04 -5.38 -6.93
CA LYS A 537 -11.44 -5.33 -7.43
C LYS A 537 -11.55 -5.60 -8.91
N GLN A 538 -10.43 -5.80 -9.64
CA GLN A 538 -10.53 -6.17 -11.07
C GLN A 538 -10.21 -7.63 -11.28
N PRO A 539 -11.22 -8.45 -11.63
CA PRO A 539 -10.96 -9.86 -11.81
C PRO A 539 -9.78 -10.17 -12.76
N PHE A 540 -9.63 -9.41 -13.85
CA PHE A 540 -8.59 -9.69 -14.84
C PHE A 540 -7.18 -9.42 -14.26
N VAL A 541 -7.08 -8.44 -13.37
CA VAL A 541 -5.82 -8.24 -12.69
C VAL A 541 -5.49 -9.47 -11.81
N CYS A 542 -6.46 -9.98 -11.05
CA CYS A 542 -6.22 -11.13 -10.15
C CYS A 542 -5.87 -12.40 -10.95
N SER A 543 -6.64 -12.65 -12.02
CA SER A 543 -6.36 -13.72 -12.96
C SER A 543 -4.96 -13.60 -13.56
N SER A 544 -4.52 -12.39 -13.84
CA SER A 544 -3.19 -12.12 -14.37
C SER A 544 -2.10 -12.36 -13.32
N LEU A 545 -2.32 -11.98 -12.09
CA LEU A 545 -1.32 -12.31 -11.08
C LEU A 545 -1.17 -13.86 -10.96
N LEU A 546 -2.27 -14.62 -10.92
CA LEU A 546 -2.15 -16.09 -10.90
C LEU A 546 -1.38 -16.66 -12.07
N GLN A 547 -1.72 -16.15 -13.26
CA GLN A 547 -1.04 -16.58 -14.46
C GLN A 547 0.50 -16.26 -14.38
N PHE A 548 0.88 -15.06 -13.93
CA PHE A 548 2.30 -14.69 -13.93
C PHE A 548 3.00 -15.57 -12.89
N ALA A 549 2.36 -15.80 -11.74
CA ALA A 549 2.98 -16.59 -10.68
C ALA A 549 3.11 -18.03 -11.14
N ARG A 550 2.09 -18.53 -11.82
CA ARG A 550 2.12 -19.90 -12.29
C ARG A 550 3.23 -20.17 -13.32
N GLN A 551 3.40 -19.28 -14.27
CA GLN A 551 4.41 -19.42 -15.34
C GLN A 551 5.82 -19.29 -14.72
N TYR A 552 6.02 -18.29 -13.87
CA TYR A 552 7.23 -18.24 -13.05
C TYR A 552 7.55 -19.59 -12.39
N SER A 553 6.58 -20.16 -11.66
CA SER A 553 6.82 -21.43 -10.93
C SER A 553 7.22 -22.57 -11.88
N ARG A 554 6.87 -22.44 -13.16
CA ARG A 554 7.23 -23.45 -14.10
C ARG A 554 8.51 -23.10 -14.90
N ASN A 555 9.22 -22.03 -14.52
CA ASN A 555 10.42 -21.63 -15.29
C ASN A 555 10.04 -21.32 -16.77
N GLU A 556 8.84 -20.75 -16.96
CA GLU A 556 8.35 -20.47 -18.31
C GLU A 556 8.29 -18.94 -18.45
N PRO A 557 9.27 -18.32 -19.16
CA PRO A 557 9.34 -16.86 -19.21
C PRO A 557 8.07 -16.30 -19.86
N LEU A 558 7.60 -15.16 -19.36
CA LEU A 558 6.42 -14.42 -19.86
C LEU A 558 6.94 -13.44 -20.94
N THR A 559 6.78 -13.79 -22.21
CA THR A 559 7.42 -12.99 -23.26
C THR A 559 6.43 -11.96 -23.79
N PHE A 560 6.95 -11.01 -24.57
CA PHE A 560 6.08 -9.98 -25.16
C PHE A 560 5.01 -10.69 -26.03
N ALA A 561 5.45 -11.59 -26.91
CA ALA A 561 4.48 -12.25 -27.80
C ALA A 561 3.47 -13.01 -26.97
N TRP A 562 3.89 -13.73 -25.96
CA TRP A 562 2.92 -14.44 -25.13
C TRP A 562 1.91 -13.43 -24.46
N LEU A 563 2.47 -12.36 -23.89
CA LEU A 563 1.56 -11.36 -23.20
C LEU A 563 0.56 -10.67 -24.18
N ARG A 564 1.05 -10.32 -25.38
CA ARG A 564 0.22 -9.70 -26.41
C ARG A 564 -1.01 -10.58 -26.73
N ARG A 565 -0.84 -11.89 -26.86
CA ARG A 565 -2.01 -12.76 -27.16
C ARG A 565 -2.90 -12.86 -25.92
N TYR A 566 -2.28 -12.96 -24.73
CA TYR A 566 -3.02 -13.04 -23.45
C TYR A 566 -3.99 -11.85 -23.27
N ILE A 567 -3.54 -10.64 -23.65
CA ILE A 567 -4.47 -9.55 -23.45
C ILE A 567 -5.34 -9.35 -24.72
N LYS A 568 -5.17 -10.21 -25.74
CA LYS A 568 -6.03 -10.18 -26.97
C LYS A 568 -5.86 -8.91 -27.74
N TRP A 569 -4.62 -8.49 -27.89
CA TRP A 569 -4.26 -7.36 -28.72
C TRP A 569 -4.56 -7.69 -30.21
N PRO A 570 -5.05 -6.73 -31.04
CA PRO A 570 -5.33 -5.34 -30.73
C PRO A 570 -6.64 -5.14 -30.02
N LEU A 571 -6.65 -4.18 -29.11
CA LEU A 571 -7.83 -3.82 -28.34
C LEU A 571 -8.39 -2.64 -29.09
N LEU A 572 -9.71 -2.49 -29.07
CA LEU A 572 -10.46 -1.57 -29.90
C LEU A 572 -10.80 -0.34 -29.04
N PRO A 573 -11.08 0.83 -29.68
CA PRO A 573 -11.56 1.98 -28.89
C PRO A 573 -12.80 1.60 -28.05
N PRO A 574 -12.94 2.14 -26.80
CA PRO A 574 -14.10 1.69 -26.01
C PRO A 574 -15.40 2.28 -26.58
N LYS A 575 -16.55 1.63 -26.37
CA LYS A 575 -17.86 2.23 -26.74
C LYS A 575 -18.71 2.66 -25.54
N ASN A 576 -18.39 2.17 -24.35
CA ASN A 576 -19.09 2.52 -23.16
C ASN A 576 -18.13 2.53 -21.94
N ILE A 577 -18.65 2.92 -20.80
CA ILE A 577 -17.79 3.02 -19.59
C ILE A 577 -17.15 1.68 -19.22
N LYS A 578 -17.94 0.61 -19.24
CA LYS A 578 -17.37 -0.72 -18.91
C LYS A 578 -16.18 -1.06 -19.85
N ASP A 579 -16.30 -0.76 -21.14
CA ASP A 579 -15.12 -0.93 -22.08
C ASP A 579 -13.90 -0.12 -21.61
N LEU A 580 -14.12 1.10 -21.15
CA LEU A 580 -13.02 1.91 -20.67
C LEU A 580 -12.37 1.27 -19.44
N ASP A 582 -12.40 -1.89 -18.63
CA ASP A 582 -11.62 -3.02 -19.08
C ASP A 582 -10.21 -2.66 -19.59
N LEU A 583 -10.14 -1.64 -20.43
CA LEU A 583 -8.82 -1.14 -20.92
C LEU A 583 -7.91 -0.73 -19.82
N GLU A 584 -8.47 -0.02 -18.84
CA GLU A 584 -7.71 0.45 -17.64
C GLU A 584 -7.18 -0.78 -16.87
N ALA A 585 -8.00 -1.84 -16.81
CA ALA A 585 -7.58 -3.08 -16.15
C ALA A 585 -6.42 -3.77 -16.93
N VAL A 586 -6.48 -3.83 -18.27
CA VAL A 586 -5.34 -4.30 -19.08
C VAL A 586 -4.12 -3.40 -18.86
N HIS A 587 -4.29 -2.08 -18.85
CA HIS A 587 -3.14 -1.18 -18.53
C HIS A 587 -2.48 -1.56 -17.17
N ASP A 588 -3.30 -1.86 -16.14
CA ASP A 588 -2.73 -2.24 -14.83
C ASP A 588 -2.05 -3.61 -14.96
N VAL A 589 -2.54 -4.50 -15.83
CA VAL A 589 -1.83 -5.78 -15.98
C VAL A 589 -0.44 -5.56 -16.57
N LEU A 590 -0.32 -4.64 -17.49
CA LEU A 590 0.96 -4.35 -18.11
C LEU A 590 1.88 -3.72 -17.04
N ASP A 591 1.35 -2.79 -16.21
CA ASP A 591 2.12 -2.34 -15.04
C ASP A 591 2.59 -3.47 -14.14
N LEU A 592 1.74 -4.47 -13.92
CA LEU A 592 2.13 -5.63 -13.07
C LEU A 592 3.30 -6.37 -13.71
N TYR A 593 3.25 -6.55 -15.03
CA TYR A 593 4.37 -7.21 -15.74
C TYR A 593 5.62 -6.38 -15.54
N LEU A 594 5.52 -5.06 -15.74
CA LEU A 594 6.70 -4.18 -15.58
C LEU A 594 7.28 -4.19 -14.16
N TRP A 595 6.40 -4.07 -13.15
CA TRP A 595 6.81 -4.18 -11.74
C TRP A 595 7.61 -5.47 -11.49
N LEU A 596 7.03 -6.59 -11.92
CA LEU A 596 7.71 -7.86 -11.74
C LEU A 596 9.05 -7.98 -12.50
N SER A 597 9.15 -7.43 -13.71
CA SER A 597 10.36 -7.53 -14.51
C SER A 597 11.58 -6.98 -13.81
N TYR A 598 11.42 -6.01 -12.90
CA TYR A 598 12.56 -5.48 -12.16
C TYR A 598 12.91 -6.30 -10.98
N ARG A 599 12.07 -7.30 -10.60
CA ARG A 599 12.49 -8.26 -9.56
C ARG A 599 12.92 -9.57 -10.18
N PHE A 600 12.37 -9.93 -11.35
CA PHE A 600 12.60 -11.24 -11.97
C PHE A 600 12.89 -11.07 -13.47
N ASP A 602 14.75 -12.46 -15.79
CA ASP A 602 14.78 -13.52 -16.76
C ASP A 602 13.39 -14.07 -17.05
N PHE A 604 10.54 -12.29 -16.75
CA PHE A 604 9.77 -11.20 -17.39
C PHE A 604 10.72 -10.38 -18.26
N PRO A 605 11.22 -10.99 -19.36
CA PRO A 605 12.41 -10.44 -19.95
C PRO A 605 12.07 -9.31 -20.93
N ASP A 606 10.80 -9.06 -21.21
CA ASP A 606 10.45 -8.18 -22.33
C ASP A 606 9.90 -6.81 -21.89
N ALA A 607 10.50 -6.19 -20.87
CA ALA A 607 9.90 -4.94 -20.32
C ALA A 607 9.80 -3.76 -21.35
N SER A 608 10.87 -3.52 -22.14
CA SER A 608 10.83 -2.46 -23.17
C SER A 608 9.72 -2.66 -24.17
N LEU A 609 9.54 -3.89 -24.62
CA LEU A 609 8.52 -4.20 -25.61
C LEU A 609 7.12 -4.05 -25.00
N ILE A 610 6.94 -4.53 -23.75
CA ILE A 610 5.66 -4.36 -23.08
C ILE A 610 5.35 -2.87 -22.85
N ARG A 611 6.37 -2.10 -22.46
CA ARG A 611 6.20 -0.63 -22.27
C ARG A 611 5.69 0.04 -23.53
N ASP A 612 6.24 -0.36 -24.67
CA ASP A 612 5.81 0.15 -25.96
C ASP A 612 4.34 -0.19 -26.22
N LEU A 613 3.98 -1.43 -25.97
CA LEU A 613 2.60 -1.84 -26.13
C LEU A 613 1.72 -0.99 -25.18
N GLN A 614 2.21 -0.80 -23.96
CA GLN A 614 1.37 -0.10 -22.96
C GLN A 614 1.11 1.37 -23.39
N LYS A 615 2.13 1.93 -23.99
CA LYS A 615 2.02 3.30 -24.47
C LYS A 615 0.99 3.39 -25.64
N GLU A 616 0.95 2.38 -26.51
CA GLU A 616 -0.13 2.34 -27.51
C GLU A 616 -1.54 2.18 -26.86
N LEU A 617 -1.61 1.38 -25.80
CA LEU A 617 -2.85 1.23 -25.03
C LEU A 617 -3.20 2.57 -24.31
N ASP A 618 -2.23 3.28 -23.71
CA ASP A 618 -2.52 4.61 -23.09
C ASP A 618 -3.14 5.53 -24.19
N GLY A 619 -2.68 5.46 -25.43
CA GLY A 619 -3.21 6.30 -26.54
C GLY A 619 -4.69 5.99 -26.82
N ILE A 620 -5.04 4.70 -26.83
CA ILE A 620 -6.43 4.26 -27.00
C ILE A 620 -7.32 4.72 -25.84
N ILE A 621 -6.81 4.62 -24.62
CA ILE A 621 -7.57 5.03 -23.47
C ILE A 621 -7.71 6.54 -23.48
N GLN A 622 -6.64 7.22 -23.84
CA GLN A 622 -6.64 8.68 -23.97
C GLN A 622 -7.72 9.20 -24.93
N ASP A 623 -7.82 8.58 -26.12
CA ASP A 623 -8.91 8.95 -27.03
C ASP A 623 -10.26 8.55 -26.43
N GLY A 624 -10.33 7.42 -25.72
CA GLY A 624 -11.64 7.09 -25.14
C GLY A 624 -12.08 8.12 -24.08
N VAL A 625 -11.13 8.56 -23.24
CA VAL A 625 -11.44 9.55 -22.16
C VAL A 625 -11.77 10.93 -22.74
N HIS A 626 -11.10 11.33 -23.82
CA HIS A 626 -11.51 12.55 -24.54
C HIS A 626 -13.04 12.44 -24.90
N ASN A 627 -13.45 11.21 -25.21
CA ASN A 627 -14.80 10.93 -25.70
C ASN A 627 -15.65 10.36 -24.58
N ILE A 628 -15.27 10.62 -23.31
CA ILE A 628 -15.94 9.96 -22.18
C ILE A 628 -17.43 10.28 -22.10
N THR A 629 -17.86 11.48 -22.52
CA THR A 629 -19.28 11.75 -22.46
C THR A 629 -20.06 10.90 -23.44
N LYS A 630 -19.45 10.46 -24.53
CA LYS A 630 -20.13 9.46 -25.38
C LYS A 630 -20.16 8.08 -24.81
N LEU A 631 -19.13 7.72 -24.04
CA LEU A 631 -19.13 6.41 -23.44
C LEU A 631 -20.25 6.42 -22.40
N ILE A 632 -20.33 7.53 -21.66
CA ILE A 632 -21.27 7.62 -20.59
C ILE A 632 -22.68 7.60 -21.16
N LYS A 633 -22.91 8.39 -22.22
CA LYS A 633 -24.21 8.37 -22.90
C LYS A 633 -24.58 6.95 -23.42
N SER A 635 -23.49 4.17 -22.01
CA SER A 635 -23.81 3.39 -20.83
C SER A 635 -25.23 3.67 -20.33
N GLU A 636 -25.62 4.94 -20.33
CA GLU A 636 -26.91 5.31 -19.78
C GLU A 636 -28.04 4.96 -20.72
N THR A 637 -27.83 5.25 -22.00
CA THR A 637 -28.93 5.18 -22.94
C THR A 637 -29.03 3.85 -23.60
N HIS A 638 -27.92 3.14 -23.78
CA HIS A 638 -27.96 1.78 -24.40
C HIS A 638 -27.88 0.68 -23.34
N LYS A 639 -27.02 0.84 -22.34
CA LYS A 639 -26.92 -0.17 -21.28
C LYS A 639 -27.94 0.13 -20.14
N LEU A 640 -28.59 1.30 -20.17
CA LEU A 640 -29.53 1.72 -19.10
C LEU A 640 -28.97 1.72 -17.65
N LEU A 641 -27.69 2.05 -17.52
CA LEU A 641 -27.02 2.12 -16.22
C LEU A 641 -27.52 3.42 -15.53
N ASN A 642 -27.87 3.28 -14.25
CA ASN A 642 -28.33 4.47 -13.44
C ASN A 642 -27.13 5.08 -12.66
N LEU A 643 -26.78 6.31 -13.00
CA LEU A 643 -25.51 6.89 -12.51
C LEU A 643 -25.59 7.60 -11.13
N GLU A 644 -26.78 7.73 -10.58
CA GLU A 644 -26.95 8.40 -9.28
C GLU A 644 -27.61 7.45 -8.29
#